data_6Z0Q
#
_entry.id   6Z0Q
#
_cell.length_a   48.247
_cell.length_b   65.201
_cell.length_c   49.051
_cell.angle_alpha   90.000
_cell.angle_beta   110.730
_cell.angle_gamma   90.000
#
_symmetry.space_group_name_H-M   'P 1 21 1'
#
loop_
_entity.id
_entity.type
_entity.pdbx_description
1 polymer 'Phosphoribosylaminoimidazole-succinocarboxamide synthase'
2 non-polymer 'ethyl (2~{S},3~{R})-3-(5-bromanylpyridin-2-yl)-2-fluoranyl-3-oxidanyl-propanoate'
3 non-polymer 'SULFATE ION'
4 water water
#
_entity_poly.entity_id   1
_entity_poly.type   'polypeptide(L)'
_entity_poly.pdbx_seq_one_letter_code
;MSHHHHHHSMRPSLSDYQHVASGKVRELYRVDDEHLLFVATDRISAFDFVLDTPIPDKGRILTAMSVFFFGLLTVPNHLA
GPPDDPRIPEEVLGRALLVRRLDMLPVECVARGYLTGSGLLDYQRTGAVCGHVLPQGLGEASRLDPPLFTPATKADIGEH
DMNVDFAAVVGLVGAVRANQLRDETIKIYTRAAAHALHKGIILADTKFEFGVDIEGNLVLADEVFTPDSSRYWDAAHYQP
GVVQDSFDKQFVRNWLTGPESGWDRASDTPPPPLPDEVAVATRERYIEAYERISGLSFSDWIGPSA
;
_entity_poly.pdbx_strand_id   A
#
loop_
_chem_comp.id
_chem_comp.type
_chem_comp.name
_chem_comp.formula
Q4K non-polymer 'ethyl (2~{S},3~{R})-3-(5-bromanylpyridin-2-yl)-2-fluoranyl-3-oxidanyl-propanoate' 'C10 H11 Br F N O3'
SO4 non-polymer 'SULFATE ION' 'O4 S -2'
#
# COMPACT_ATOMS: atom_id res chain seq x y z
N MET A 10 12.01 -25.33 -16.04
CA MET A 10 12.34 -25.40 -14.62
C MET A 10 12.61 -24.02 -14.05
N ARG A 11 12.10 -23.76 -12.85
CA ARG A 11 12.28 -22.45 -12.22
C ARG A 11 13.51 -22.43 -11.31
N PRO A 12 14.21 -21.28 -11.28
CA PRO A 12 15.39 -21.12 -10.43
C PRO A 12 15.04 -21.12 -8.95
N SER A 13 16.03 -21.35 -8.10
CA SER A 13 15.82 -21.22 -6.67
C SER A 13 15.99 -19.77 -6.25
N LEU A 14 15.28 -19.38 -5.21
CA LEU A 14 15.39 -18.05 -4.65
C LEU A 14 16.85 -17.76 -4.24
N SER A 15 17.56 -18.80 -3.82
CA SER A 15 18.95 -18.64 -3.38
C SER A 15 19.92 -18.37 -4.55
N ASP A 16 19.42 -18.45 -5.79
CA ASP A 16 20.21 -18.08 -6.95
C ASP A 16 20.31 -16.55 -7.12
N TYR A 17 19.49 -15.82 -6.38
CA TYR A 17 19.46 -14.36 -6.49
C TYR A 17 20.01 -13.70 -5.23
N GLN A 18 20.56 -12.50 -5.38
CA GLN A 18 21.05 -11.77 -4.21
C GLN A 18 19.93 -11.01 -3.51
N HIS A 19 19.80 -11.26 -2.21
CA HIS A 19 18.85 -10.54 -1.37
C HIS A 19 19.37 -9.12 -1.17
N VAL A 20 18.62 -8.14 -1.63
CA VAL A 20 19.15 -6.78 -1.68
C VAL A 20 18.50 -5.84 -0.66
N ALA A 21 17.27 -6.15 -0.24
CA ALA A 21 16.57 -5.33 0.75
C ALA A 21 15.42 -6.07 1.43
N SER A 22 15.09 -5.65 2.65
CA SER A 22 13.99 -6.24 3.39
CA SER A 22 13.99 -6.24 3.39
C SER A 22 13.09 -5.15 3.97
N GLY A 23 11.79 -5.35 3.88
CA GLY A 23 10.80 -4.42 4.42
C GLY A 23 9.94 -5.07 5.48
N LYS A 24 8.87 -4.39 5.91
CA LYS A 24 8.00 -4.91 6.96
C LYS A 24 7.29 -6.19 6.53
N VAL A 25 6.71 -6.17 5.33
CA VAL A 25 5.96 -7.32 4.81
C VAL A 25 6.29 -7.60 3.34
N ARG A 26 7.43 -7.10 2.88
CA ARG A 26 7.90 -7.34 1.51
C ARG A 26 9.42 -7.54 1.47
N GLU A 27 9.91 -8.16 0.39
CA GLU A 27 11.35 -8.41 0.19
C GLU A 27 11.78 -8.08 -1.24
N LEU A 28 13.07 -7.80 -1.43
CA LEU A 28 13.59 -7.41 -2.74
C LEU A 28 14.86 -8.20 -3.09
N TYR A 29 14.91 -8.74 -4.32
CA TYR A 29 16.06 -9.51 -4.79
C TYR A 29 16.63 -9.01 -6.12
N ARG A 30 17.94 -9.13 -6.32
CA ARG A 30 18.55 -8.81 -7.61
C ARG A 30 18.57 -10.03 -8.54
N VAL A 31 18.05 -9.86 -9.75
CA VAL A 31 18.01 -10.92 -10.74
C VAL A 31 19.20 -10.84 -11.71
N ASP A 32 19.42 -9.65 -12.27
CA ASP A 32 20.65 -9.34 -13.01
C ASP A 32 20.86 -7.83 -12.95
N ASP A 33 21.72 -7.29 -13.83
CA ASP A 33 22.06 -5.87 -13.76
C ASP A 33 20.88 -4.94 -13.96
N GLU A 34 19.85 -5.40 -14.66
CA GLU A 34 18.74 -4.52 -15.01
C GLU A 34 17.38 -5.00 -14.50
N HIS A 35 17.35 -6.10 -13.75
CA HIS A 35 16.09 -6.62 -13.24
C HIS A 35 16.12 -7.01 -11.76
N LEU A 36 14.97 -6.84 -11.11
CA LEU A 36 14.76 -7.22 -9.72
C LEU A 36 13.56 -8.17 -9.57
N LEU A 37 13.46 -8.80 -8.39
CA LEU A 37 12.28 -9.58 -8.02
C LEU A 37 11.62 -8.94 -6.78
N PHE A 38 10.42 -8.39 -6.97
CA PHE A 38 9.61 -7.80 -5.90
C PHE A 38 8.78 -8.93 -5.26
N VAL A 39 8.97 -9.21 -3.97
CA VAL A 39 8.26 -10.33 -3.31
C VAL A 39 7.33 -9.86 -2.18
N ALA A 40 6.06 -10.28 -2.22
CA ALA A 40 5.12 -10.06 -1.12
C ALA A 40 5.07 -11.26 -0.19
N THR A 41 5.12 -11.03 1.12
CA THR A 41 5.06 -12.13 2.09
C THR A 41 3.64 -12.25 2.62
N ASP A 42 3.40 -13.26 3.47
CA ASP A 42 2.11 -13.46 4.12
C ASP A 42 2.04 -12.73 5.47
N ARG A 43 3.07 -11.96 5.82
CA ARG A 43 3.06 -11.25 7.09
C ARG A 43 2.04 -10.10 7.09
N ILE A 44 1.51 -9.79 8.27
CA ILE A 44 0.57 -8.66 8.44
C ILE A 44 0.98 -7.77 9.63
N SER A 45 0.72 -6.47 9.51
CA SER A 45 1.01 -5.52 10.57
CA SER A 45 1.01 -5.51 10.57
C SER A 45 -0.28 -4.96 11.19
N ALA A 46 -0.26 -4.79 12.52
CA ALA A 46 -1.34 -4.12 13.22
C ALA A 46 -0.77 -3.33 14.40
N PHE A 47 -1.28 -2.13 14.62
CA PHE A 47 -0.82 -1.26 15.71
C PHE A 47 0.69 -1.05 15.72
N ASP A 48 1.28 -0.96 14.52
CA ASP A 48 2.72 -0.75 14.30
C ASP A 48 3.62 -1.92 14.69
N PHE A 49 3.02 -3.10 14.88
CA PHE A 49 3.77 -4.33 15.09
C PHE A 49 3.58 -5.29 13.90
N VAL A 50 4.65 -5.96 13.48
CA VAL A 50 4.49 -7.09 12.57
C VAL A 50 4.13 -8.31 13.42
N LEU A 51 2.95 -8.88 13.16
CA LEU A 51 2.40 -9.94 14.02
C LEU A 51 3.09 -11.28 13.80
N ASP A 52 3.05 -12.14 14.83
CA ASP A 52 3.66 -13.46 14.77
C ASP A 52 3.01 -14.36 13.72
N THR A 53 1.71 -14.22 13.53
CA THR A 53 0.90 -15.15 12.73
C THR A 53 0.75 -14.65 11.30
N PRO A 54 1.16 -15.44 10.31
CA PRO A 54 0.91 -15.03 8.92
C PRO A 54 -0.53 -15.24 8.47
N ILE A 55 -0.98 -14.48 7.46
CA ILE A 55 -2.29 -14.67 6.86
C ILE A 55 -2.17 -15.51 5.58
N PRO A 56 -2.76 -16.72 5.57
CA PRO A 56 -2.54 -17.57 4.39
C PRO A 56 -3.02 -16.92 3.09
N ASP A 57 -2.18 -17.02 2.05
CA ASP A 57 -2.40 -16.48 0.70
C ASP A 57 -2.39 -14.96 0.61
N LYS A 58 -2.05 -14.23 1.68
CA LYS A 58 -2.10 -12.76 1.62
C LYS A 58 -1.15 -12.20 0.56
N GLY A 59 0.06 -12.74 0.48
CA GLY A 59 1.03 -12.28 -0.51
C GLY A 59 0.53 -12.48 -1.92
N ARG A 60 -0.08 -13.63 -2.19
CA ARG A 60 -0.66 -13.92 -3.51
C ARG A 60 -1.83 -12.98 -3.84
N ILE A 61 -2.72 -12.72 -2.88
CA ILE A 61 -3.90 -11.88 -3.14
C ILE A 61 -3.48 -10.43 -3.41
N LEU A 62 -2.51 -9.92 -2.65
CA LEU A 62 -2.09 -8.54 -2.84
C LEU A 62 -1.33 -8.37 -4.17
N THR A 63 -0.65 -9.42 -4.62
CA THR A 63 0.01 -9.40 -5.91
C THR A 63 -1.03 -9.39 -7.05
N ALA A 64 -2.06 -10.22 -6.93
CA ALA A 64 -3.17 -10.21 -7.89
C ALA A 64 -3.79 -8.81 -7.99
N MET A 65 -3.97 -8.16 -6.84
CA MET A 65 -4.52 -6.81 -6.79
C MET A 65 -3.64 -5.82 -7.54
N SER A 66 -2.34 -5.86 -7.28
CA SER A 66 -1.41 -4.95 -7.93
C SER A 66 -1.42 -5.12 -9.45
N VAL A 67 -1.42 -6.37 -9.91
CA VAL A 67 -1.41 -6.68 -11.33
C VAL A 67 -2.70 -6.18 -12.00
N PHE A 68 -3.85 -6.31 -11.34
CA PHE A 68 -5.10 -5.77 -11.88
C PHE A 68 -5.01 -4.25 -12.06
N PHE A 69 -4.53 -3.55 -11.03
CA PHE A 69 -4.51 -2.08 -11.09
C PHE A 69 -3.45 -1.56 -12.09
N PHE A 70 -2.31 -2.25 -12.21
CA PHE A 70 -1.31 -1.90 -13.23
C PHE A 70 -1.95 -1.98 -14.62
N GLY A 71 -2.80 -2.98 -14.83
CA GLY A 71 -3.54 -3.11 -16.08
C GLY A 71 -4.56 -2.01 -16.31
N LEU A 72 -5.31 -1.65 -15.28
CA LEU A 72 -6.36 -0.63 -15.38
C LEU A 72 -5.80 0.76 -15.68
N LEU A 73 -4.69 1.10 -15.02
CA LEU A 73 -4.09 2.43 -15.14
C LEU A 73 -3.26 2.52 -16.43
N THR A 74 -3.21 3.70 -17.05
CA THR A 74 -2.51 3.81 -18.33
C THR A 74 -1.04 4.27 -18.18
N VAL A 75 -0.62 4.55 -16.95
CA VAL A 75 0.71 5.08 -16.73
C VAL A 75 1.77 3.98 -16.82
N PRO A 76 2.99 4.35 -17.25
CA PRO A 76 4.12 3.43 -17.29
C PRO A 76 4.39 2.83 -15.91
N ASN A 77 4.68 1.53 -15.88
CA ASN A 77 5.03 0.86 -14.62
C ASN A 77 6.25 -0.06 -14.77
N HIS A 78 6.73 -0.58 -13.64
CA HIS A 78 8.01 -1.33 -13.61
C HIS A 78 7.93 -2.81 -14.01
N LEU A 79 6.77 -3.31 -14.36
CA LEU A 79 6.70 -4.73 -14.72
C LEU A 79 7.57 -5.05 -15.95
N ALA A 80 8.34 -6.14 -15.86
CA ALA A 80 9.24 -6.57 -16.93
C ALA A 80 8.94 -7.98 -17.45
N GLY A 81 7.84 -8.57 -17.00
CA GLY A 81 7.44 -9.90 -17.43
C GLY A 81 6.08 -10.27 -16.90
N PRO A 82 5.51 -11.40 -17.36
CA PRO A 82 4.21 -11.89 -16.90
C PRO A 82 4.26 -12.46 -15.47
N PRO A 83 3.10 -12.61 -14.81
CA PRO A 83 3.06 -13.18 -13.46
C PRO A 83 3.62 -14.60 -13.39
N ASP A 84 3.69 -15.31 -14.51
CA ASP A 84 4.28 -16.65 -14.51
C ASP A 84 5.67 -16.74 -15.18
N ASP A 85 6.33 -15.60 -15.36
CA ASP A 85 7.68 -15.54 -15.93
C ASP A 85 8.58 -16.65 -15.36
N PRO A 86 9.29 -17.39 -16.23
CA PRO A 86 10.16 -18.50 -15.81
C PRO A 86 11.26 -18.12 -14.81
N ARG A 87 11.61 -16.83 -14.73
CA ARG A 87 12.66 -16.40 -13.80
C ARG A 87 12.15 -16.33 -12.35
N ILE A 88 10.85 -16.54 -12.14
CA ILE A 88 10.27 -16.49 -10.81
C ILE A 88 10.32 -17.87 -10.12
N PRO A 89 10.96 -17.96 -8.94
CA PRO A 89 11.06 -19.26 -8.25
C PRO A 89 9.70 -19.83 -7.81
N GLU A 90 9.60 -21.15 -7.82
CA GLU A 90 8.36 -21.84 -7.41
C GLU A 90 7.88 -21.41 -6.03
N GLU A 91 8.83 -21.21 -5.12
CA GLU A 91 8.55 -20.89 -3.73
C GLU A 91 7.81 -19.56 -3.53
N VAL A 92 7.93 -18.65 -4.50
CA VAL A 92 7.22 -17.37 -4.43
C VAL A 92 6.24 -17.14 -5.58
N LEU A 93 5.91 -18.21 -6.31
CA LEU A 93 5.02 -18.12 -7.48
C LEU A 93 3.63 -17.59 -7.14
N GLY A 94 3.21 -16.54 -7.83
CA GLY A 94 1.96 -15.86 -7.52
C GLY A 94 2.06 -14.73 -6.49
N ARG A 95 3.18 -14.63 -5.77
CA ARG A 95 3.38 -13.53 -4.83
C ARG A 95 4.69 -12.76 -5.11
N ALA A 96 5.16 -12.83 -6.34
CA ALA A 96 6.37 -12.12 -6.75
C ALA A 96 6.24 -11.62 -8.17
N LEU A 97 6.88 -10.49 -8.45
CA LEU A 97 6.87 -9.92 -9.80
C LEU A 97 8.29 -9.63 -10.27
N LEU A 98 8.53 -9.90 -11.56
CA LEU A 98 9.81 -9.59 -12.24
C LEU A 98 9.72 -8.14 -12.74
N VAL A 99 10.59 -7.26 -12.26
CA VAL A 99 10.52 -5.83 -12.59
C VAL A 99 11.86 -5.24 -13.09
N ARG A 100 11.79 -4.06 -13.71
CA ARG A 100 13.01 -3.40 -14.18
C ARG A 100 13.63 -2.50 -13.11
N ARG A 101 14.95 -2.44 -13.06
CA ARG A 101 15.68 -1.58 -12.15
C ARG A 101 15.52 -0.13 -12.56
N LEU A 102 15.25 0.76 -11.61
CA LEU A 102 15.03 2.18 -11.87
C LEU A 102 15.79 3.04 -10.86
N ASP A 103 16.06 4.30 -11.21
CA ASP A 103 16.57 5.25 -10.22
CA ASP A 103 16.58 5.24 -10.22
C ASP A 103 15.39 5.78 -9.41
N MET A 104 15.28 5.33 -8.17
CA MET A 104 14.10 5.65 -7.36
C MET A 104 14.11 7.06 -6.81
N LEU A 105 12.94 7.71 -6.80
CA LEU A 105 12.82 9.05 -6.20
C LEU A 105 12.50 8.93 -4.71
N PRO A 106 13.23 9.66 -3.86
CA PRO A 106 13.10 9.55 -2.39
C PRO A 106 11.92 10.35 -1.83
N VAL A 107 10.74 10.11 -2.38
CA VAL A 107 9.52 10.79 -1.95
C VAL A 107 8.38 9.77 -1.80
N GLU A 108 7.73 9.73 -0.63
CA GLU A 108 6.50 8.94 -0.52
C GLU A 108 5.33 9.78 -1.05
N CYS A 109 4.80 9.37 -2.20
CA CYS A 109 3.78 10.16 -2.87
C CYS A 109 2.39 9.73 -2.45
N VAL A 110 1.79 10.51 -1.55
CA VAL A 110 0.54 10.13 -0.90
C VAL A 110 -0.58 11.04 -1.39
N ALA A 111 -1.74 10.43 -1.68
CA ALA A 111 -2.97 11.16 -2.00
C ALA A 111 -4.02 10.85 -0.95
N ARG A 112 -4.77 11.86 -0.52
CA ARG A 112 -5.83 11.64 0.47
C ARG A 112 -7.16 12.18 -0.04
N GLY A 113 -8.16 11.31 -0.12
CA GLY A 113 -9.52 11.72 -0.46
C GLY A 113 -10.39 11.93 0.77
N TYR A 114 -9.91 11.47 1.93
CA TYR A 114 -10.64 11.59 3.21
C TYR A 114 -9.65 11.96 4.32
N LEU A 115 -10.14 12.68 5.32
CA LEU A 115 -9.27 13.18 6.40
C LEU A 115 -9.20 12.20 7.59
N THR A 116 -8.06 11.55 7.74
CA THR A 116 -7.87 10.56 8.82
C THR A 116 -6.37 10.39 9.12
N GLY A 117 -6.03 9.62 10.13
CA GLY A 117 -4.62 9.37 10.44
C GLY A 117 -3.82 10.63 10.70
N SER A 118 -2.59 10.67 10.18
CA SER A 118 -1.71 11.80 10.45
C SER A 118 -2.20 13.06 9.73
N GLY A 119 -2.99 12.89 8.68
CA GLY A 119 -3.58 14.05 8.02
C GLY A 119 -4.55 14.78 8.93
N LEU A 120 -5.46 14.01 9.53
CA LEU A 120 -6.40 14.55 10.50
C LEU A 120 -5.66 15.19 11.68
N LEU A 121 -4.66 14.50 12.22
CA LEU A 121 -3.89 15.02 13.36
C LEU A 121 -3.22 16.36 13.06
N ASP A 122 -2.58 16.46 11.88
CA ASP A 122 -1.95 17.73 11.50
C ASP A 122 -2.99 18.84 11.36
N TYR A 123 -4.15 18.52 10.79
CA TYR A 123 -5.24 19.48 10.69
C TYR A 123 -5.73 19.95 12.05
N GLN A 124 -5.89 19.02 12.99
CA GLN A 124 -6.39 19.39 14.32
C GLN A 124 -5.38 20.19 15.14
N ARG A 125 -4.11 20.09 14.77
CA ARG A 125 -3.05 20.84 15.46
C ARG A 125 -2.78 22.21 14.84
N THR A 126 -2.95 22.34 13.52
CA THR A 126 -2.47 23.54 12.81
C THR A 126 -3.49 24.17 11.87
N GLY A 127 -4.53 23.41 11.49
CA GLY A 127 -5.50 23.86 10.51
C GLY A 127 -5.08 23.59 9.08
N ALA A 128 -3.92 22.96 8.92
CA ALA A 128 -3.37 22.65 7.59
C ALA A 128 -2.77 21.24 7.53
N VAL A 129 -2.65 20.71 6.31
CA VAL A 129 -1.97 19.43 6.06
C VAL A 129 -0.99 19.56 4.89
N CYS A 130 0.30 19.32 5.15
CA CYS A 130 1.32 19.36 4.10
C CYS A 130 1.25 20.62 3.23
N GLY A 131 0.99 21.75 3.86
CA GLY A 131 0.96 23.04 3.19
C GLY A 131 -0.38 23.43 2.61
N HIS A 132 -1.38 22.56 2.76
CA HIS A 132 -2.74 22.86 2.31
C HIS A 132 -3.55 23.42 3.48
N VAL A 133 -3.86 24.71 3.45
CA VAL A 133 -4.74 25.29 4.46
C VAL A 133 -6.20 24.92 4.14
N LEU A 134 -6.87 24.28 5.09
CA LEU A 134 -8.19 23.70 4.83
C LEU A 134 -9.31 24.53 5.46
N PRO A 135 -10.55 24.33 5.01
CA PRO A 135 -11.70 24.97 5.65
C PRO A 135 -11.84 24.59 7.12
N GLN A 136 -12.44 25.48 7.93
CA GLN A 136 -12.76 25.13 9.31
C GLN A 136 -13.93 24.14 9.32
N GLY A 137 -14.04 23.36 10.39
CA GLY A 137 -15.18 22.49 10.59
C GLY A 137 -15.09 21.06 10.09
N LEU A 138 -13.92 20.65 9.60
CA LEU A 138 -13.77 19.24 9.18
C LEU A 138 -13.45 18.33 10.36
N GLY A 139 -13.61 17.02 10.15
CA GLY A 139 -13.33 16.06 11.19
C GLY A 139 -12.98 14.67 10.66
N GLU A 140 -13.03 13.70 11.57
CA GLU A 140 -12.68 12.31 11.26
C GLU A 140 -13.47 11.79 10.05
N ALA A 141 -12.73 11.32 9.04
CA ALA A 141 -13.28 10.73 7.82
C ALA A 141 -14.10 11.71 6.95
N SER A 142 -13.87 13.00 7.12
CA SER A 142 -14.44 14.00 6.21
C SER A 142 -13.92 13.83 4.79
N ARG A 143 -14.79 14.01 3.78
CA ARG A 143 -14.36 13.98 2.39
C ARG A 143 -13.53 15.22 2.06
N LEU A 144 -12.42 15.00 1.35
CA LEU A 144 -11.57 16.07 0.82
C LEU A 144 -11.71 16.10 -0.70
N ASP A 145 -12.31 17.16 -1.23
CA ASP A 145 -12.50 17.25 -2.67
C ASP A 145 -12.15 18.67 -3.11
N PRO A 146 -11.15 18.81 -4.00
CA PRO A 146 -10.38 17.72 -4.62
C PRO A 146 -9.44 17.00 -3.63
N PRO A 147 -9.02 15.77 -3.97
CA PRO A 147 -8.10 15.06 -3.07
C PRO A 147 -6.79 15.83 -2.91
N LEU A 148 -6.09 15.62 -1.78
CA LEU A 148 -4.85 16.35 -1.51
C LEU A 148 -3.59 15.55 -1.80
N PHE A 149 -2.57 16.23 -2.32
CA PHE A 149 -1.22 15.67 -2.41
C PHE A 149 -0.52 15.97 -1.09
N THR A 150 -0.23 14.91 -0.32
CA THR A 150 0.32 15.04 1.03
C THR A 150 1.61 14.22 1.16
N PRO A 151 2.71 14.70 0.55
CA PRO A 151 3.96 13.92 0.47
C PRO A 151 4.63 13.73 1.82
N ALA A 152 5.45 12.68 1.91
CA ALA A 152 6.16 12.40 3.15
C ALA A 152 7.56 11.86 2.85
N THR A 153 8.44 11.90 3.85
CA THR A 153 9.78 11.30 3.71
C THR A 153 9.99 10.21 4.75
N LYS A 154 10.77 9.18 4.40
CA LYS A 154 11.08 8.10 5.34
C LYS A 154 11.97 8.61 6.48
N ALA A 155 11.69 8.14 7.69
CA ALA A 155 12.49 8.52 8.85
C ALA A 155 13.37 7.34 9.29
N ASP A 156 13.73 7.30 10.56
CA ASP A 156 14.55 6.22 11.08
C ASP A 156 13.72 4.94 11.27
N ILE A 157 14.41 3.82 11.43
CA ILE A 157 13.75 2.52 11.64
C ILE A 157 12.75 2.59 12.80
N GLY A 158 11.53 2.12 12.53
CA GLY A 158 10.50 2.08 13.56
C GLY A 158 9.63 3.33 13.65
N GLU A 159 10.14 4.44 13.15
CA GLU A 159 9.40 5.72 13.22
C GLU A 159 8.45 5.90 12.03
N HIS A 160 7.44 6.73 12.22
CA HIS A 160 6.49 7.04 11.14
C HIS A 160 7.13 7.98 10.13
N ASP A 161 6.71 7.89 8.86
CA ASP A 161 7.17 8.84 7.83
C ASP A 161 6.86 10.27 8.26
N MET A 162 7.71 11.24 7.85
CA MET A 162 7.47 12.63 8.20
C MET A 162 6.73 13.37 7.08
N ASN A 163 5.56 13.93 7.40
CA ASN A 163 4.82 14.75 6.44
C ASN A 163 5.58 16.01 6.05
N VAL A 164 5.63 16.31 4.75
CA VAL A 164 6.30 17.52 4.25
C VAL A 164 5.44 18.27 3.21
N ASP A 165 5.83 19.49 2.85
CA ASP A 165 5.03 20.25 1.89
C ASP A 165 5.64 20.25 0.47
N PHE A 166 4.99 20.92 -0.47
CA PHE A 166 5.43 20.88 -1.87
C PHE A 166 6.85 21.44 -2.03
N ALA A 167 7.17 22.52 -1.32
CA ALA A 167 8.53 23.09 -1.40
C ALA A 167 9.60 22.07 -1.02
N ALA A 168 9.30 21.23 -0.02
CA ALA A 168 10.24 20.21 0.40
C ALA A 168 10.48 19.22 -0.74
N VAL A 169 9.42 18.91 -1.49
CA VAL A 169 9.53 17.98 -2.60
C VAL A 169 10.37 18.60 -3.74
N VAL A 170 10.15 19.88 -4.02
CA VAL A 170 10.98 20.61 -4.99
C VAL A 170 12.47 20.49 -4.64
N GLY A 171 12.82 20.72 -3.39
CA GLY A 171 14.21 20.61 -2.98
C GLY A 171 14.79 19.20 -3.05
N LEU A 172 13.93 18.18 -3.13
CA LEU A 172 14.42 16.80 -3.25
C LEU A 172 14.63 16.33 -4.69
N VAL A 173 13.72 16.71 -5.60
CA VAL A 173 13.73 16.14 -6.95
C VAL A 173 13.75 17.16 -8.10
N GLY A 174 13.61 18.45 -7.78
CA GLY A 174 13.54 19.50 -8.79
C GLY A 174 12.13 20.07 -8.96
N ALA A 175 12.04 21.32 -9.40
CA ALA A 175 10.76 21.99 -9.57
C ALA A 175 9.82 21.33 -10.60
N VAL A 176 10.32 21.07 -11.80
CA VAL A 176 9.49 20.46 -12.84
C VAL A 176 9.07 19.01 -12.45
N ARG A 177 10.01 18.22 -11.93
CA ARG A 177 9.70 16.85 -11.52
C ARG A 177 8.69 16.83 -10.36
N ALA A 178 8.82 17.78 -9.43
CA ALA A 178 7.87 17.83 -8.31
C ALA A 178 6.45 18.09 -8.80
N ASN A 179 6.29 19.00 -9.75
CA ASN A 179 4.97 19.25 -10.32
C ASN A 179 4.40 18.00 -10.99
N GLN A 180 5.26 17.27 -11.69
CA GLN A 180 4.85 16.01 -12.30
C GLN A 180 4.40 14.97 -11.26
N LEU A 181 5.13 14.84 -10.15
CA LEU A 181 4.75 13.86 -9.13
C LEU A 181 3.38 14.20 -8.56
N ARG A 182 3.15 15.48 -8.30
CA ARG A 182 1.89 15.94 -7.72
C ARG A 182 0.74 15.63 -8.67
N ASP A 183 0.91 16.00 -9.94
CA ASP A 183 -0.13 15.84 -10.94
C ASP A 183 -0.49 14.36 -11.18
N GLU A 184 0.52 13.49 -11.36
CA GLU A 184 0.29 12.07 -11.62
C GLU A 184 -0.31 11.39 -10.38
N THR A 185 0.17 11.75 -9.19
CA THR A 185 -0.37 11.14 -7.95
C THR A 185 -1.88 11.41 -7.80
N ILE A 186 -2.28 12.67 -7.97
CA ILE A 186 -3.69 13.02 -7.86
CA ILE A 186 -3.69 13.04 -7.89
C ILE A 186 -4.51 12.36 -8.99
N LYS A 187 -3.98 12.33 -10.21
CA LYS A 187 -4.70 11.76 -11.36
C LYS A 187 -4.99 10.26 -11.19
N ILE A 188 -3.95 9.51 -10.82
CA ILE A 188 -4.05 8.06 -10.65
C ILE A 188 -4.97 7.72 -9.48
N TYR A 189 -4.81 8.43 -8.36
CA TYR A 189 -5.67 8.19 -7.21
C TYR A 189 -7.15 8.47 -7.54
N THR A 190 -7.43 9.60 -8.17
CA THR A 190 -8.81 9.95 -8.51
C THR A 190 -9.49 8.85 -9.33
N ARG A 191 -8.79 8.32 -10.32
CA ARG A 191 -9.34 7.28 -11.18
C ARG A 191 -9.60 5.98 -10.41
N ALA A 192 -8.60 5.49 -9.67
CA ALA A 192 -8.75 4.24 -8.93
C ALA A 192 -9.85 4.32 -7.86
N ALA A 193 -9.93 5.47 -7.20
CA ALA A 193 -10.93 5.66 -6.13
C ALA A 193 -12.35 5.63 -6.67
N ALA A 194 -12.57 6.25 -7.83
CA ALA A 194 -13.88 6.26 -8.45
C ALA A 194 -14.27 4.85 -8.88
N HIS A 195 -13.29 4.11 -9.41
CA HIS A 195 -13.51 2.71 -9.82
C HIS A 195 -13.91 1.84 -8.64
N ALA A 196 -13.16 1.93 -7.54
CA ALA A 196 -13.47 1.13 -6.36
C ALA A 196 -14.84 1.48 -5.75
N LEU A 197 -15.16 2.78 -5.72
CA LEU A 197 -16.40 3.25 -5.09
C LEU A 197 -17.61 2.77 -5.89
N HIS A 198 -17.44 2.66 -7.20
CA HIS A 198 -18.51 2.17 -8.08
C HIS A 198 -18.89 0.74 -7.71
N LYS A 199 -17.93 0.01 -7.13
CA LYS A 199 -18.11 -1.39 -6.71
C LYS A 199 -18.36 -1.54 -5.21
N GLY A 200 -18.50 -0.42 -4.50
CA GLY A 200 -18.84 -0.45 -3.08
C GLY A 200 -17.71 -0.39 -2.06
N ILE A 201 -16.50 -0.07 -2.52
CA ILE A 201 -15.33 0.04 -1.65
C ILE A 201 -14.73 1.43 -1.78
N ILE A 202 -14.53 2.11 -0.65
CA ILE A 202 -13.82 3.40 -0.65
C ILE A 202 -12.33 3.16 -0.48
N LEU A 203 -11.54 3.77 -1.38
CA LEU A 203 -10.10 3.89 -1.18
C LEU A 203 -9.86 5.27 -0.56
N ALA A 204 -9.59 5.34 0.74
CA ALA A 204 -9.59 6.63 1.43
C ALA A 204 -8.34 7.46 1.15
N ASP A 205 -7.24 6.76 0.84
CA ASP A 205 -5.94 7.37 0.60
C ASP A 205 -5.04 6.30 -0.05
N THR A 206 -3.85 6.70 -0.50
CA THR A 206 -2.91 5.75 -1.09
C THR A 206 -1.49 6.30 -1.09
N LYS A 207 -0.49 5.41 -1.07
CA LYS A 207 0.92 5.80 -1.06
C LYS A 207 1.67 5.12 -2.22
N PHE A 208 2.24 5.94 -3.12
CA PHE A 208 2.99 5.52 -4.31
C PHE A 208 4.48 5.75 -4.12
N GLU A 209 5.30 4.87 -4.71
CA GLU A 209 6.71 5.17 -4.93
C GLU A 209 7.02 5.11 -6.43
N PHE A 210 7.76 6.10 -6.93
CA PHE A 210 8.11 6.22 -8.36
C PHE A 210 9.62 6.13 -8.59
N GLY A 211 10.01 5.69 -9.79
CA GLY A 211 11.40 5.75 -10.24
C GLY A 211 11.50 6.40 -11.60
N VAL A 212 12.72 6.62 -12.08
CA VAL A 212 12.94 7.21 -13.40
C VAL A 212 13.76 6.24 -14.26
N ASP A 213 13.35 6.04 -15.52
CA ASP A 213 14.09 5.12 -16.39
C ASP A 213 15.22 5.84 -17.15
N ILE A 214 15.89 5.12 -18.04
CA ILE A 214 17.07 5.64 -18.73
C ILE A 214 16.75 6.80 -19.68
N GLU A 215 15.48 6.93 -20.06
CA GLU A 215 15.06 7.98 -20.97
C GLU A 215 14.53 9.20 -20.22
N GLY A 216 14.49 9.11 -18.89
CA GLY A 216 14.01 10.21 -18.08
C GLY A 216 12.53 10.15 -17.75
N ASN A 217 11.85 9.07 -18.15
CA ASN A 217 10.41 8.93 -17.90
C ASN A 217 10.10 8.51 -16.47
N LEU A 218 8.99 9.03 -15.96
CA LEU A 218 8.47 8.65 -14.64
C LEU A 218 7.74 7.31 -14.71
N VAL A 219 8.09 6.39 -13.82
CA VAL A 219 7.58 5.02 -13.82
C VAL A 219 7.06 4.63 -12.41
N LEU A 220 5.82 4.15 -12.34
CA LEU A 220 5.24 3.65 -11.09
C LEU A 220 5.91 2.33 -10.69
N ALA A 221 6.43 2.27 -9.46
CA ALA A 221 7.37 1.20 -9.09
C ALA A 221 7.23 0.79 -7.63
N ASP A 222 6.18 0.03 -7.35
CA ASP A 222 5.73 -0.27 -6.01
C ASP A 222 4.57 -1.24 -6.15
N GLU A 223 4.15 -1.87 -5.06
CA GLU A 223 2.84 -2.48 -5.10
C GLU A 223 1.87 -1.32 -5.23
N VAL A 224 0.71 -1.55 -5.82
CA VAL A 224 -0.22 -0.43 -5.98
C VAL A 224 -1.63 -0.80 -5.57
N PHE A 225 -2.24 0.09 -4.80
CA PHE A 225 -3.62 -0.03 -4.33
C PHE A 225 -3.92 -1.35 -3.63
N THR A 226 -2.97 -1.77 -2.80
CA THR A 226 -3.23 -2.88 -1.88
C THR A 226 -3.80 -2.32 -0.58
N PRO A 227 -4.39 -3.18 0.27
CA PRO A 227 -4.87 -2.67 1.56
C PRO A 227 -3.76 -2.34 2.55
N ASP A 228 -2.51 -2.64 2.21
CA ASP A 228 -1.35 -2.16 2.97
C ASP A 228 -0.89 -0.76 2.51
N SER A 229 -1.00 -0.46 1.20
CA SER A 229 -0.59 0.85 0.67
C SER A 229 -1.74 1.86 0.74
N SER A 230 -2.96 1.37 0.96
CA SER A 230 -4.18 2.19 0.87
C SER A 230 -5.18 1.80 1.94
N ARG A 231 -5.87 2.77 2.55
CA ARG A 231 -6.97 2.44 3.47
C ARG A 231 -8.22 2.03 2.69
N TYR A 232 -8.60 0.76 2.78
CA TYR A 232 -9.86 0.23 2.26
C TYR A 232 -10.99 0.34 3.29
N TRP A 233 -12.12 0.92 2.88
CA TRP A 233 -13.33 1.01 3.71
C TRP A 233 -14.54 0.42 2.97
N ASP A 234 -15.48 -0.17 3.72
CA ASP A 234 -16.79 -0.54 3.15
C ASP A 234 -17.66 0.71 2.93
N ALA A 235 -18.07 0.97 1.70
CA ALA A 235 -18.88 2.15 1.41
C ALA A 235 -20.28 2.10 2.06
N ALA A 236 -20.81 0.90 2.22
CA ALA A 236 -22.17 0.73 2.76
C ALA A 236 -22.35 1.28 4.16
N HIS A 237 -21.24 1.40 4.89
CA HIS A 237 -21.28 1.84 6.28
C HIS A 237 -20.54 3.15 6.50
N TYR A 238 -20.25 3.87 5.43
CA TYR A 238 -19.47 5.10 5.56
C TYR A 238 -20.31 6.17 6.25
N GLN A 239 -19.74 6.75 7.30
CA GLN A 239 -20.39 7.79 8.06
C GLN A 239 -19.35 8.80 8.54
N PRO A 240 -19.32 9.98 7.91
CA PRO A 240 -18.41 11.07 8.34
C PRO A 240 -18.60 11.38 9.82
N GLY A 241 -17.49 11.58 10.55
CA GLY A 241 -17.58 11.92 11.95
C GLY A 241 -17.16 10.83 12.93
N VAL A 242 -17.12 9.59 12.48
CA VAL A 242 -16.60 8.51 13.33
C VAL A 242 -15.50 7.73 12.62
N VAL A 243 -14.72 6.98 13.39
CA VAL A 243 -13.63 6.18 12.83
C VAL A 243 -14.20 5.03 12.02
N GLN A 244 -13.76 4.87 10.77
CA GLN A 244 -14.22 3.76 9.93
C GLN A 244 -13.46 2.46 10.21
N ASP A 245 -14.17 1.34 10.15
CA ASP A 245 -13.53 0.02 10.24
C ASP A 245 -12.59 -0.19 9.06
N SER A 246 -11.48 -0.88 9.32
CA SER A 246 -10.60 -1.37 8.25
C SER A 246 -11.26 -2.53 7.54
N PHE A 247 -11.44 -2.46 6.21
CA PHE A 247 -12.08 -3.55 5.48
C PHE A 247 -11.33 -4.87 5.74
N ASP A 248 -10.02 -4.84 5.65
CA ASP A 248 -9.23 -6.08 5.77
C ASP A 248 -8.79 -6.44 7.19
N LYS A 249 -8.47 -5.44 8.02
CA LYS A 249 -7.81 -5.74 9.29
C LYS A 249 -8.69 -5.66 10.56
N GLN A 250 -9.98 -5.39 10.42
CA GLN A 250 -10.77 -5.11 11.63
C GLN A 250 -10.99 -6.34 12.52
N PHE A 251 -11.05 -7.54 11.93
CA PHE A 251 -11.15 -8.75 12.76
C PHE A 251 -9.89 -8.97 13.62
N VAL A 252 -8.72 -8.76 13.02
CA VAL A 252 -7.45 -8.81 13.76
C VAL A 252 -7.41 -7.78 14.88
N ARG A 253 -7.77 -6.54 14.56
CA ARG A 253 -7.79 -5.47 15.55
C ARG A 253 -8.74 -5.74 16.70
N ASN A 254 -9.94 -6.22 16.37
CA ASN A 254 -10.95 -6.49 17.40
C ASN A 254 -10.51 -7.61 18.35
N TRP A 255 -9.86 -8.63 17.82
CA TRP A 255 -9.44 -9.74 18.70
C TRP A 255 -8.30 -9.31 19.61
N LEU A 256 -7.30 -8.64 19.05
CA LEU A 256 -6.15 -8.17 19.83
C LEU A 256 -6.52 -7.24 20.98
N THR A 257 -7.55 -6.41 20.76
CA THR A 257 -7.94 -5.42 21.76
C THR A 257 -9.12 -5.89 22.61
N GLY A 258 -9.62 -7.08 22.34
CA GLY A 258 -10.76 -7.64 23.05
C GLY A 258 -10.41 -8.47 24.28
N PRO A 259 -11.41 -9.15 24.84
CA PRO A 259 -11.32 -9.84 26.15
C PRO A 259 -10.49 -11.13 26.13
N GLU A 260 -10.21 -11.67 24.96
CA GLU A 260 -9.64 -13.01 24.86
C GLU A 260 -8.13 -13.04 24.60
N SER A 261 -7.57 -11.92 24.17
CA SER A 261 -6.15 -11.87 23.78
C SER A 261 -5.21 -11.87 24.99
N GLY A 262 -5.64 -11.22 26.07
CA GLY A 262 -4.79 -11.06 27.25
C GLY A 262 -3.73 -9.98 27.07
N TRP A 263 -3.86 -9.17 26.03
CA TRP A 263 -2.85 -8.16 25.68
C TRP A 263 -3.37 -6.74 25.88
N ASP A 264 -2.52 -5.88 26.45
CA ASP A 264 -2.86 -4.48 26.62
C ASP A 264 -2.10 -3.63 25.60
N ARG A 265 -2.84 -3.03 24.67
CA ARG A 265 -2.24 -2.23 23.59
C ARG A 265 -1.34 -1.11 24.10
N ALA A 266 -1.69 -0.55 25.26
CA ALA A 266 -0.95 0.58 25.81
C ALA A 266 0.36 0.16 26.48
N SER A 267 0.67 -1.13 26.46
CA SER A 267 1.89 -1.62 27.11
C SER A 267 3.08 -1.54 26.18
N ASP A 268 2.81 -1.36 24.88
CA ASP A 268 3.85 -1.30 23.85
C ASP A 268 4.71 -2.56 23.79
N THR A 269 4.26 -3.63 24.43
CA THR A 269 4.92 -4.92 24.30
C THR A 269 4.39 -5.61 23.06
N PRO A 270 5.21 -6.46 22.41
CA PRO A 270 4.71 -7.13 21.21
C PRO A 270 3.50 -8.00 21.50
N PRO A 271 2.52 -7.98 20.59
CA PRO A 271 1.28 -8.73 20.78
C PRO A 271 1.43 -10.25 20.64
N PRO A 272 0.45 -11.00 21.18
CA PRO A 272 0.43 -12.47 21.10
C PRO A 272 0.04 -12.95 19.71
N PRO A 273 0.30 -14.23 19.42
CA PRO A 273 -0.15 -14.80 18.14
C PRO A 273 -1.69 -14.83 18.02
N LEU A 274 -2.19 -14.81 16.79
CA LEU A 274 -3.62 -14.77 16.51
C LEU A 274 -4.25 -16.16 16.46
N PRO A 275 -5.53 -16.28 16.81
CA PRO A 275 -6.23 -17.55 16.57
C PRO A 275 -6.24 -17.92 15.09
N ASP A 276 -6.03 -19.20 14.77
CA ASP A 276 -6.10 -19.69 13.41
C ASP A 276 -7.39 -19.23 12.69
N GLU A 277 -8.51 -19.19 13.41
CA GLU A 277 -9.78 -18.87 12.78
C GLU A 277 -9.84 -17.38 12.40
N VAL A 278 -9.15 -16.52 13.14
CA VAL A 278 -9.10 -15.09 12.79
C VAL A 278 -8.26 -14.89 11.52
N ALA A 279 -7.20 -15.67 11.39
CA ALA A 279 -6.35 -15.60 10.20
C ALA A 279 -7.10 -16.05 8.95
N VAL A 280 -7.89 -17.13 9.07
CA VAL A 280 -8.71 -17.62 7.96
C VAL A 280 -9.81 -16.62 7.57
N ALA A 281 -10.44 -15.99 8.57
CA ALA A 281 -11.48 -14.99 8.29
C ALA A 281 -10.88 -13.77 7.58
N THR A 282 -9.63 -13.47 7.89
CA THR A 282 -8.94 -12.33 7.30
C THR A 282 -8.58 -12.62 5.84
N ARG A 283 -8.11 -13.85 5.56
CA ARG A 283 -7.89 -14.28 4.19
C ARG A 283 -9.16 -14.11 3.33
N GLU A 284 -10.30 -14.54 3.86
CA GLU A 284 -11.58 -14.36 3.15
C GLU A 284 -11.86 -12.90 2.82
N ARG A 285 -11.54 -12.01 3.74
CA ARG A 285 -11.74 -10.59 3.54
C ARG A 285 -10.88 -10.01 2.41
N TYR A 286 -9.62 -10.47 2.32
CA TYR A 286 -8.75 -10.04 1.24
C TYR A 286 -9.30 -10.54 -0.11
N ILE A 287 -9.76 -11.78 -0.14
CA ILE A 287 -10.33 -12.36 -1.36
C ILE A 287 -11.58 -11.61 -1.79
N GLU A 288 -12.44 -11.26 -0.82
CA GLU A 288 -13.63 -10.47 -1.12
C GLU A 288 -13.29 -9.10 -1.75
N ALA A 289 -12.32 -8.41 -1.17
CA ALA A 289 -11.90 -7.10 -1.70
C ALA A 289 -11.37 -7.21 -3.14
N TYR A 290 -10.49 -8.17 -3.38
CA TYR A 290 -9.93 -8.39 -4.73
C TYR A 290 -10.99 -8.72 -5.78
N GLU A 291 -11.87 -9.68 -5.50
CA GLU A 291 -12.88 -10.11 -6.46
C GLU A 291 -13.89 -8.99 -6.74
N ARG A 292 -14.27 -8.23 -5.71
CA ARG A 292 -15.24 -7.15 -5.91
C ARG A 292 -14.66 -6.02 -6.78
N ILE A 293 -13.40 -5.68 -6.57
CA ILE A 293 -12.79 -4.58 -7.31
C ILE A 293 -12.34 -5.00 -8.72
N SER A 294 -11.85 -6.22 -8.86
CA SER A 294 -11.31 -6.67 -10.14
C SER A 294 -12.35 -7.29 -11.08
N GLY A 295 -13.40 -7.87 -10.52
CA GLY A 295 -14.35 -8.61 -11.32
C GLY A 295 -13.82 -9.97 -11.75
N LEU A 296 -12.69 -10.36 -11.17
CA LEU A 296 -12.06 -11.65 -11.46
C LEU A 296 -12.23 -12.61 -10.29
N SER A 297 -11.87 -13.87 -10.52
CA SER A 297 -11.92 -14.90 -9.49
C SER A 297 -10.52 -15.26 -9.01
N PHE A 298 -10.30 -15.23 -7.70
CA PHE A 298 -8.97 -15.53 -7.16
C PHE A 298 -8.60 -17.00 -7.42
N SER A 299 -9.61 -17.86 -7.60
CA SER A 299 -9.34 -19.27 -7.88
C SER A 299 -8.59 -19.46 -9.21
N ASP A 300 -8.54 -18.42 -10.03
CA ASP A 300 -7.78 -18.48 -11.29
C ASP A 300 -6.37 -17.87 -11.19
N TRP A 301 -6.02 -17.33 -10.02
CA TRP A 301 -4.69 -16.74 -9.84
C TRP A 301 -3.64 -17.81 -9.63
N ILE A 302 -2.47 -17.61 -10.23
CA ILE A 302 -1.41 -18.62 -10.20
C ILE A 302 -0.85 -18.82 -8.79
N GLY A 303 -0.29 -20.00 -8.56
CA GLY A 303 0.36 -20.32 -7.30
C GLY A 303 1.24 -21.54 -7.46
N PRO A 304 1.82 -22.01 -6.36
CA PRO A 304 2.74 -23.17 -6.38
C PRO A 304 2.05 -24.45 -6.87
C10 Q4K B . 11.74 -0.64 -1.96
C13 Q4K B . 11.78 -3.00 -0.52
C15 Q4K B . 11.27 -2.95 -1.75
C01 Q4K B . 10.84 5.79 -1.95
C02 Q4K B . 11.83 4.86 -2.90
O03 Q4K B . 11.81 3.59 -2.47
C04 Q4K B . 12.99 2.84 -2.88
O05 Q4K B . 13.97 3.43 -2.99
C06 Q4K B . 12.99 1.37 -3.18
F07 Q4K B . 14.05 0.77 -2.57
C08 Q4K B . 11.65 0.66 -2.86
O09 Q4K B . 10.78 1.56 -2.24
C11 Q4K B . 12.26 -0.62 -0.73
C12 Q4K B . 12.31 -1.79 0.04
BR1 Q4K B . 11.82 -4.63 0.46
N16 Q4K B . 11.23 -1.83 -2.45
S SO4 C . -1.09 7.93 7.85
O1 SO4 C . -0.80 6.50 7.71
O2 SO4 C . 0.02 8.78 7.40
O3 SO4 C . -2.32 8.26 7.13
O4 SO4 C . -1.37 8.17 9.25
#